data_1J99
#
_entry.id   1J99
#
_cell.length_a   77.931
_cell.length_b   137.976
_cell.length_c   45.864
_cell.angle_alpha   90
_cell.angle_beta   90
_cell.angle_gamma   90
#
_symmetry.space_group_name_H-M   'P 21 21 2'
#
loop_
_entity.id
_entity.type
_entity.pdbx_description
1 polymer 'ALCOHOL SULFOTRANSFERASE'
2 non-polymer 'IODIDE ION'
3 non-polymer 'MERCURY (II) IODIDE'
4 non-polymer 3-BETA-HYDROXY-5-ANDROSTEN-17-ONE
5 water water
#
_entity_poly.entity_id   1
_entity_poly.type   'polypeptide(L)'
_entity_poly.pdbx_seq_one_letter_code
;GIPRNSRVDSDDFLWFEGIAFPTMGFRSETLRKVRDEFVIRDEDVIILTYPKSGTNWLAEILCLMHSKGDAKWIQSVPIW
ERSPWVESEIGYTALSETESPRLFSSHLPIQLFPKSFFSSKAKVIYLMRNPRDVLVSGYFFWKNMKFLKKPKSWEEYFEW
FCQGTVLYGSWFDHIHGWMPMREEKNFLLLSYEELKQDTGRTIEKICQFLGKTLEPEELNLILKNSSFQSMKENKMSNYS
LLSVDYVVDKTQLLRKGVSGDWKNHFTVAQAEDFDKLFQEKMADLPRELFPWE
;
_entity_poly.pdbx_strand_id   A
#
# COMPACT_ATOMS: atom_id res chain seq x y z
N SER A 10 10.87 12.47 -19.63
CA SER A 10 9.52 11.92 -19.98
C SER A 10 9.68 10.52 -20.57
N ASP A 11 10.81 9.91 -20.30
CA ASP A 11 11.15 8.59 -20.83
C ASP A 11 10.39 7.36 -20.28
N ASP A 12 9.08 7.49 -20.22
CA ASP A 12 8.18 6.45 -19.74
C ASP A 12 7.90 6.49 -18.25
N PHE A 13 8.04 7.67 -17.65
CA PHE A 13 7.73 7.91 -16.23
C PHE A 13 7.95 9.38 -15.83
N LEU A 14 7.19 9.87 -14.86
CA LEU A 14 7.34 11.24 -14.37
C LEU A 14 8.40 11.25 -13.29
N TRP A 15 9.47 12.03 -13.46
CA TRP A 15 10.54 12.09 -12.47
C TRP A 15 10.30 13.33 -11.59
N PHE A 16 10.27 13.16 -10.26
CA PHE A 16 10.04 14.26 -9.30
C PHE A 16 10.89 14.09 -8.02
N GLU A 17 11.78 15.05 -7.74
CA GLU A 17 12.64 15.00 -6.54
C GLU A 17 13.33 13.64 -6.39
N GLY A 18 13.87 13.11 -7.47
CA GLY A 18 14.57 11.84 -7.38
C GLY A 18 13.73 10.57 -7.29
N ILE A 19 12.39 10.66 -7.48
CA ILE A 19 11.52 9.49 -7.39
C ILE A 19 10.64 9.37 -8.65
N ALA A 20 10.45 8.14 -9.18
CA ALA A 20 9.61 7.90 -10.39
C ALA A 20 8.14 7.64 -10.05
N PHE A 21 7.24 8.26 -10.81
CA PHE A 21 5.82 8.10 -10.62
C PHE A 21 5.19 7.69 -11.96
N PRO A 22 3.97 7.13 -11.92
CA PRO A 22 3.25 6.71 -13.12
C PRO A 22 3.05 7.87 -14.09
N THR A 23 2.90 7.55 -15.38
CA THR A 23 2.73 8.56 -16.42
C THR A 23 1.29 9.08 -16.55
N MET A 24 0.30 8.24 -16.26
CA MET A 24 -1.09 8.66 -16.39
C MET A 24 -1.74 8.88 -15.03
N GLY A 25 -2.23 10.09 -14.77
CA GLY A 25 -2.92 10.36 -13.52
C GLY A 25 -2.18 11.21 -12.50
N PHE A 26 -0.95 11.63 -12.82
CA PHE A 26 -0.07 12.44 -11.96
C PHE A 26 0.56 13.65 -12.64
N ARG A 27 0.73 14.76 -11.89
CA ARG A 27 1.37 15.99 -12.42
C ARG A 27 2.33 16.62 -11.42
N SER A 28 3.45 17.14 -11.92
CA SER A 28 4.46 17.74 -11.07
C SER A 28 3.99 18.78 -10.06
N GLU A 29 3.02 19.62 -10.45
CA GLU A 29 2.57 20.69 -9.56
C GLU A 29 1.69 20.23 -8.41
N THR A 30 0.89 19.19 -8.63
CA THR A 30 0.07 18.68 -7.54
C THR A 30 1.02 18.08 -6.47
N LEU A 31 2.03 17.34 -6.92
CA LEU A 31 2.99 16.71 -6.01
C LEU A 31 3.66 17.78 -5.17
N ARG A 32 3.91 18.96 -5.76
CA ARG A 32 4.53 20.04 -5.00
C ARG A 32 3.54 20.62 -3.96
N LYS A 33 2.26 20.75 -4.33
CA LYS A 33 1.28 21.29 -3.40
C LYS A 33 0.99 20.28 -2.29
N VAL A 34 1.18 18.99 -2.59
CA VAL A 34 0.95 17.95 -1.60
C VAL A 34 1.81 18.22 -0.39
N ARG A 35 3.09 18.53 -0.62
CA ARG A 35 4.07 18.84 0.42
C ARG A 35 3.89 20.24 1.10
N ASP A 36 3.89 21.29 0.27
CA ASP A 36 3.77 22.67 0.76
C ASP A 36 2.42 23.19 1.28
N GLU A 37 1.31 22.80 0.68
CA GLU A 37 0.02 23.34 1.12
C GLU A 37 -1.12 22.47 1.65
N PHE A 38 -1.17 21.19 1.31
CA PHE A 38 -2.31 20.35 1.73
C PHE A 38 -2.42 20.34 3.26
N VAL A 39 -3.65 20.44 3.74
CA VAL A 39 -3.90 20.50 5.17
C VAL A 39 -4.48 19.25 5.77
N ILE A 40 -3.75 18.69 6.72
CA ILE A 40 -4.13 17.48 7.44
C ILE A 40 -4.92 17.88 8.70
N ARG A 41 -5.93 17.10 9.06
CA ARG A 41 -6.75 17.37 10.24
C ARG A 41 -6.54 16.30 11.30
N ASP A 42 -6.82 16.64 12.57
CA ASP A 42 -6.66 15.70 13.66
C ASP A 42 -7.60 14.50 13.56
N GLU A 43 -8.75 14.66 12.90
CA GLU A 43 -9.69 13.53 12.79
C GLU A 43 -9.45 12.60 11.56
N ASP A 44 -8.52 12.95 10.68
CA ASP A 44 -8.19 12.08 9.51
C ASP A 44 -7.58 10.73 9.95
N VAL A 45 -7.78 9.70 9.12
CA VAL A 45 -7.19 8.34 9.36
C VAL A 45 -6.55 7.97 8.01
N ILE A 46 -5.26 7.62 8.05
CA ILE A 46 -4.49 7.35 6.84
C ILE A 46 -3.74 5.99 6.78
N ILE A 47 -3.90 5.28 5.66
CA ILE A 47 -3.21 4.00 5.43
C ILE A 47 -1.89 4.28 4.66
N LEU A 48 -0.74 3.88 5.21
CA LEU A 48 0.55 4.12 4.51
C LEU A 48 1.22 2.75 4.06
N THR A 49 1.60 2.63 2.79
CA THR A 49 2.30 1.42 2.30
C THR A 49 3.24 1.67 1.07
N TYR A 50 4.30 0.83 0.93
CA TYR A 50 5.15 0.76 -0.27
C TYR A 50 4.18 -0.04 -1.23
N PRO A 51 4.09 0.30 -2.53
CA PRO A 51 3.13 -0.47 -3.37
C PRO A 51 3.23 -2.02 -3.39
N LYS A 52 2.06 -2.67 -3.41
CA LYS A 52 1.89 -4.13 -3.46
C LYS A 52 2.17 -4.82 -2.12
N SER A 53 1.88 -4.10 -1.03
CA SER A 53 2.10 -4.61 0.32
C SER A 53 0.81 -4.99 1.06
N GLY A 54 -0.36 -4.94 0.39
CA GLY A 54 -1.66 -5.30 1.00
C GLY A 54 -2.66 -4.14 1.26
N THR A 55 -2.41 -2.96 0.68
CA THR A 55 -3.31 -1.78 0.82
C THR A 55 -4.84 -2.08 0.66
N ASN A 56 -5.20 -2.82 -0.38
CA ASN A 56 -6.59 -3.11 -0.65
C ASN A 56 -7.28 -3.93 0.47
N TRP A 57 -6.60 -4.93 1.03
CA TRP A 57 -7.18 -5.68 2.12
C TRP A 57 -7.38 -4.78 3.35
N LEU A 58 -6.37 -3.98 3.74
CA LEU A 58 -6.52 -3.09 4.92
C LEU A 58 -7.71 -2.05 4.73
N ALA A 59 -7.83 -1.51 3.52
CA ALA A 59 -8.91 -0.56 3.20
C ALA A 59 -10.27 -1.23 3.31
N GLU A 60 -10.38 -2.49 2.94
CA GLU A 60 -11.67 -3.13 3.06
C GLU A 60 -12.08 -3.26 4.52
N ILE A 61 -11.14 -3.68 5.37
CA ILE A 61 -11.43 -3.80 6.79
C ILE A 61 -11.86 -2.49 7.46
N LEU A 62 -11.21 -1.38 7.12
CA LEU A 62 -11.55 -0.09 7.72
C LEU A 62 -12.96 0.36 7.29
N CYS A 63 -13.35 0.12 6.03
CA CYS A 63 -14.70 0.51 5.58
C CYS A 63 -15.72 -0.32 6.38
N LEU A 64 -15.46 -1.60 6.58
CA LEU A 64 -16.37 -2.48 7.34
C LEU A 64 -16.55 -2.15 8.82
N MET A 65 -15.54 -1.54 9.45
CA MET A 65 -15.64 -1.20 10.87
C MET A 65 -16.53 0.03 11.01
N HIS A 66 -16.43 0.96 10.07
CA HIS A 66 -17.20 2.20 10.05
C HIS A 66 -18.69 1.93 9.71
N SER A 67 -18.95 0.86 8.96
CA SER A 67 -20.32 0.53 8.63
C SER A 67 -20.87 -0.64 9.43
N LYS A 68 -20.22 -0.96 10.53
CA LYS A 68 -20.63 -2.02 11.45
C LYS A 68 -20.86 -3.40 10.85
N GLY A 69 -20.13 -3.75 9.80
CA GLY A 69 -20.28 -5.06 9.22
C GLY A 69 -21.13 -5.16 7.96
N ASP A 70 -21.99 -4.15 7.77
CA ASP A 70 -22.85 -4.12 6.59
C ASP A 70 -21.93 -3.97 5.38
N ALA A 71 -22.05 -4.84 4.38
CA ALA A 71 -21.18 -4.74 3.23
C ALA A 71 -21.62 -4.32 1.82
N LYS A 72 -22.71 -3.59 1.56
CA LYS A 72 -22.91 -3.27 0.11
C LYS A 72 -21.97 -2.14 -0.25
N TRP A 73 -21.45 -1.42 0.75
CA TRP A 73 -20.51 -0.35 0.43
C TRP A 73 -19.22 -0.89 -0.22
N ILE A 74 -18.52 -1.83 0.41
CA ILE A 74 -17.29 -2.34 -0.25
C ILE A 74 -17.68 -3.17 -1.50
N GLN A 75 -18.95 -3.55 -1.63
CA GLN A 75 -19.37 -4.31 -2.81
C GLN A 75 -19.97 -3.40 -3.84
N SER A 76 -20.25 -2.16 -3.47
CA SER A 76 -20.85 -1.21 -4.40
C SER A 76 -19.89 -0.14 -4.96
N VAL A 77 -19.00 0.40 -4.12
CA VAL A 77 -18.06 1.45 -4.51
C VAL A 77 -16.61 0.94 -4.70
N PRO A 78 -15.88 1.52 -5.68
CA PRO A 78 -14.48 1.24 -6.06
C PRO A 78 -13.45 1.84 -5.07
N ILE A 79 -12.52 0.99 -4.63
CA ILE A 79 -11.50 1.39 -3.67
C ILE A 79 -10.92 2.80 -3.90
N TRP A 80 -10.60 3.16 -5.13
CA TRP A 80 -10.09 4.54 -5.32
C TRP A 80 -11.13 5.65 -5.04
N GLU A 81 -12.35 5.28 -4.71
CA GLU A 81 -13.34 6.30 -4.40
C GLU A 81 -13.54 6.30 -2.89
N ARG A 82 -13.56 5.12 -2.29
CA ARG A 82 -13.76 5.08 -0.85
C ARG A 82 -12.49 5.27 -0.01
N SER A 83 -11.31 5.19 -0.62
CA SER A 83 -10.03 5.45 0.08
C SER A 83 -9.06 5.96 -0.98
N PRO A 84 -9.21 7.23 -1.39
CA PRO A 84 -8.35 7.84 -2.43
C PRO A 84 -6.88 8.09 -2.13
N TRP A 85 -6.05 8.01 -3.19
CA TRP A 85 -4.59 8.27 -3.07
C TRP A 85 -4.38 9.79 -3.14
N VAL A 86 -4.00 10.39 -2.02
CA VAL A 86 -3.83 11.84 -1.96
C VAL A 86 -2.91 12.47 -3.01
N GLU A 87 -1.83 11.78 -3.41
CA GLU A 87 -0.86 12.32 -4.40
C GLU A 87 -1.31 12.29 -5.88
N SER A 88 -2.46 11.68 -6.17
CA SER A 88 -2.95 11.65 -7.54
C SER A 88 -3.97 12.81 -7.80
N GLU A 89 -4.14 13.20 -9.08
CA GLU A 89 -5.09 14.29 -9.45
C GLU A 89 -6.50 14.04 -8.91
N ILE A 90 -7.10 12.94 -9.29
CA ILE A 90 -8.44 12.64 -8.81
C ILE A 90 -8.57 12.66 -7.30
N GLY A 91 -7.62 12.01 -6.61
CA GLY A 91 -7.63 11.93 -5.16
C GLY A 91 -7.52 13.27 -4.46
N TYR A 92 -6.53 14.05 -4.84
CA TYR A 92 -6.30 15.38 -4.30
C TYR A 92 -7.55 16.27 -4.45
N THR A 93 -8.18 16.23 -5.62
CA THR A 93 -9.41 17.00 -5.86
C THR A 93 -10.53 16.59 -4.93
N ALA A 94 -10.88 15.31 -4.92
CA ALA A 94 -11.97 14.86 -4.06
C ALA A 94 -11.76 15.13 -2.56
N LEU A 95 -10.54 14.88 -2.06
CA LEU A 95 -10.26 15.06 -0.63
C LEU A 95 -10.38 16.52 -0.16
N SER A 96 -9.82 17.43 -0.96
CA SER A 96 -9.82 18.86 -0.67
C SER A 96 -11.22 19.45 -0.46
N GLU A 97 -12.25 18.68 -0.76
CA GLU A 97 -13.62 19.12 -0.58
C GLU A 97 -14.48 18.06 0.11
N THR A 98 -13.86 17.25 0.99
CA THR A 98 -14.58 16.20 1.70
C THR A 98 -14.76 16.47 3.19
N GLU A 99 -15.96 16.22 3.69
CA GLU A 99 -16.25 16.47 5.09
C GLU A 99 -15.74 15.43 6.09
N SER A 100 -15.15 15.90 7.18
CA SER A 100 -14.62 15.01 8.20
C SER A 100 -15.71 14.08 8.70
N PRO A 101 -15.34 12.86 9.10
CA PRO A 101 -13.96 12.35 9.09
C PRO A 101 -13.54 11.86 7.70
N ARG A 102 -12.25 11.91 7.37
CA ARG A 102 -11.81 11.43 6.06
C ARG A 102 -10.96 10.17 6.21
N LEU A 103 -11.10 9.26 5.25
CA LEU A 103 -10.28 8.03 5.21
C LEU A 103 -9.60 8.03 3.85
N PHE A 104 -8.26 8.03 3.80
CA PHE A 104 -7.52 7.98 2.54
C PHE A 104 -6.19 7.18 2.61
N SER A 105 -5.42 7.13 1.52
CA SER A 105 -4.18 6.36 1.39
C SER A 105 -3.02 7.09 0.72
N SER A 106 -1.79 6.65 1.02
CA SER A 106 -0.61 7.20 0.33
C SER A 106 0.57 6.19 0.26
N HIS A 107 1.34 6.20 -0.86
CA HIS A 107 2.52 5.35 -1.03
C HIS A 107 3.80 6.26 -0.91
N LEU A 108 3.64 7.55 -0.66
CA LEU A 108 4.84 8.41 -0.61
C LEU A 108 5.88 8.12 0.53
N PRO A 109 7.16 8.32 0.23
CA PRO A 109 8.18 8.12 1.24
C PRO A 109 8.13 9.44 2.15
N ILE A 110 8.69 9.39 3.36
CA ILE A 110 8.51 10.47 4.33
C ILE A 110 8.95 11.94 4.00
N GLN A 111 9.97 12.07 3.17
CA GLN A 111 10.48 13.36 2.73
C GLN A 111 9.51 14.12 1.79
N LEU A 112 8.55 13.42 1.17
CA LEU A 112 7.60 14.08 0.28
C LEU A 112 6.15 14.17 0.85
N PHE A 113 5.94 13.74 2.08
CA PHE A 113 4.62 13.70 2.70
C PHE A 113 4.22 15.14 3.21
N PRO A 114 2.93 15.50 3.26
CA PRO A 114 2.53 16.85 3.74
C PRO A 114 3.21 17.36 5.01
N LYS A 115 3.76 18.58 4.96
CA LYS A 115 4.40 19.22 6.12
C LYS A 115 3.36 19.34 7.27
N SER A 116 2.13 19.62 6.88
CA SER A 116 1.02 19.79 7.81
C SER A 116 0.78 18.62 8.77
N PHE A 117 1.03 17.38 8.32
CA PHE A 117 0.87 16.19 9.17
C PHE A 117 1.70 16.21 10.44
N PHE A 118 2.95 16.64 10.33
CA PHE A 118 3.84 16.55 11.47
C PHE A 118 3.47 17.51 12.64
N SER A 119 2.54 18.44 12.37
CA SER A 119 2.02 19.41 13.36
C SER A 119 0.60 18.97 13.74
N SER A 120 0.25 17.70 13.55
CA SER A 120 -1.13 17.28 13.84
C SER A 120 -1.22 16.12 14.78
N LYS A 121 -2.46 15.66 14.98
CA LYS A 121 -2.72 14.48 15.82
C LYS A 121 -3.46 13.36 15.03
N ALA A 122 -3.40 13.44 13.70
CA ALA A 122 -4.00 12.46 12.77
C ALA A 122 -3.38 11.06 12.98
N LYS A 123 -4.20 10.03 12.88
CA LYS A 123 -3.74 8.68 13.11
C LYS A 123 -3.31 8.00 11.82
N VAL A 124 -2.16 7.29 11.88
CA VAL A 124 -1.65 6.58 10.69
C VAL A 124 -1.39 5.11 10.99
N ILE A 125 -1.64 4.27 10.00
CA ILE A 125 -1.39 2.81 10.12
C ILE A 125 -0.38 2.42 9.01
N TYR A 126 0.85 2.00 9.37
CA TYR A 126 1.87 1.63 8.36
C TYR A 126 1.98 0.07 8.27
N LEU A 127 1.81 -0.45 7.06
CA LEU A 127 1.81 -1.89 6.76
C LEU A 127 3.00 -2.31 5.89
N MET A 128 3.83 -3.22 6.38
CA MET A 128 4.95 -3.72 5.59
C MET A 128 4.79 -5.21 5.26
N ARG A 129 5.48 -5.65 4.23
CA ARG A 129 5.43 -7.04 3.73
C ARG A 129 6.83 -7.54 3.31
N ASN A 130 7.09 -8.87 3.33
CA ASN A 130 8.38 -9.49 2.92
C ASN A 130 8.73 -8.89 1.49
N PRO A 131 9.90 -8.24 1.33
CA PRO A 131 10.22 -7.65 0.00
C PRO A 131 10.38 -8.61 -1.17
N ARG A 132 10.59 -9.90 -0.89
CA ARG A 132 10.68 -10.92 -2.00
C ARG A 132 9.27 -11.08 -2.69
N ASP A 133 8.18 -11.10 -1.90
CA ASP A 133 6.80 -11.17 -2.43
C ASP A 133 6.39 -9.83 -3.10
N VAL A 134 6.80 -8.71 -2.48
CA VAL A 134 6.56 -7.35 -3.09
C VAL A 134 7.23 -7.26 -4.52
N LEU A 135 8.48 -7.71 -4.65
CA LEU A 135 9.20 -7.74 -5.96
C LEU A 135 8.42 -8.56 -7.04
N VAL A 136 8.03 -9.78 -6.71
CA VAL A 136 7.27 -10.65 -7.65
C VAL A 136 5.91 -10.02 -8.07
N SER A 137 5.19 -9.56 -7.06
CA SER A 137 3.88 -8.98 -7.31
C SER A 137 3.97 -7.74 -8.22
N GLY A 138 4.97 -6.89 -8.00
CA GLY A 138 5.15 -5.71 -8.85
C GLY A 138 5.63 -6.07 -10.25
N TYR A 139 6.50 -7.08 -10.37
CA TYR A 139 6.99 -7.50 -11.69
C TYR A 139 5.78 -7.80 -12.62
N PHE A 140 4.90 -8.70 -12.18
CA PHE A 140 3.74 -9.08 -13.02
C PHE A 140 2.68 -7.99 -13.17
N PHE A 141 2.46 -7.17 -12.14
CA PHE A 141 1.45 -6.12 -12.25
C PHE A 141 1.90 -4.98 -13.15
N TRP A 142 3.09 -4.44 -12.92
CA TRP A 142 3.51 -3.30 -13.73
C TRP A 142 3.86 -3.61 -15.17
N LYS A 143 4.33 -4.83 -15.48
CA LYS A 143 4.66 -5.08 -16.87
C LYS A 143 3.40 -5.26 -17.75
N ASN A 144 2.22 -5.27 -17.12
CA ASN A 144 0.93 -5.44 -17.83
C ASN A 144 0.14 -4.11 -17.98
N MET A 145 0.76 -2.99 -17.63
CA MET A 145 0.13 -1.66 -17.75
C MET A 145 0.66 -0.83 -18.95
N LYS A 146 -0.23 -0.28 -19.76
CA LYS A 146 0.21 0.53 -20.91
C LYS A 146 0.82 1.84 -20.46
N PHE A 147 1.61 2.43 -21.35
CA PHE A 147 2.26 3.72 -21.13
C PHE A 147 3.26 3.77 -19.98
N LEU A 148 3.71 2.61 -19.53
CA LEU A 148 4.70 2.53 -18.44
C LEU A 148 5.94 1.77 -18.91
N LYS A 149 7.13 2.31 -18.63
CA LYS A 149 8.41 1.66 -19.01
C LYS A 149 8.50 0.17 -18.61
N LYS A 150 8.62 -0.73 -19.57
CA LYS A 150 8.66 -2.14 -19.25
C LYS A 150 10.03 -2.83 -19.26
N PRO A 151 10.24 -3.77 -18.33
CA PRO A 151 11.55 -4.45 -18.31
C PRO A 151 11.70 -5.45 -19.44
N LYS A 152 12.93 -5.71 -19.87
CA LYS A 152 13.17 -6.67 -20.94
C LYS A 152 13.22 -8.10 -20.45
N SER A 153 13.32 -8.32 -19.13
CA SER A 153 13.35 -9.67 -18.53
C SER A 153 13.25 -9.67 -16.97
N TRP A 154 13.00 -10.85 -16.40
CA TRP A 154 12.96 -11.05 -14.95
C TRP A 154 14.29 -10.55 -14.36
N GLU A 155 15.40 -10.99 -14.93
CA GLU A 155 16.72 -10.57 -14.43
C GLU A 155 16.90 -9.05 -14.40
N GLU A 156 16.47 -8.37 -15.47
CA GLU A 156 16.56 -6.91 -15.51
C GLU A 156 15.68 -6.28 -14.39
N TYR A 157 14.42 -6.69 -14.22
CA TYR A 157 13.59 -6.09 -13.14
C TYR A 157 14.22 -6.35 -11.74
N PHE A 158 14.72 -7.56 -11.55
CA PHE A 158 15.33 -7.92 -10.27
C PHE A 158 16.43 -6.87 -9.91
N GLU A 159 17.25 -6.51 -10.88
CA GLU A 159 18.31 -5.50 -10.68
C GLU A 159 17.75 -4.05 -10.44
N TRP A 160 16.68 -3.68 -11.13
CA TRP A 160 16.06 -2.36 -10.90
C TRP A 160 15.56 -2.22 -9.44
N PHE A 161 14.92 -3.28 -8.97
CA PHE A 161 14.34 -3.28 -7.61
C PHE A 161 15.41 -3.11 -6.54
N CYS A 162 16.50 -3.84 -6.64
CA CYS A 162 17.45 -3.66 -5.58
C CYS A 162 18.26 -2.33 -5.68
N GLN A 163 18.38 -1.74 -6.87
CA GLN A 163 19.07 -0.44 -7.00
C GLN A 163 18.10 0.73 -6.67
N GLY A 164 16.79 0.48 -6.71
CA GLY A 164 15.87 1.55 -6.38
C GLY A 164 15.19 2.30 -7.53
N THR A 165 15.56 2.00 -8.79
CA THR A 165 15.01 2.67 -9.98
C THR A 165 13.70 2.01 -10.47
N VAL A 166 12.67 2.09 -9.63
CA VAL A 166 11.32 1.53 -9.86
C VAL A 166 10.31 2.54 -9.28
N LEU A 167 9.03 2.37 -9.61
CA LEU A 167 8.00 3.27 -9.11
C LEU A 167 8.01 3.49 -7.58
N TYR A 168 8.06 4.76 -7.19
CA TYR A 168 8.06 5.16 -5.76
C TYR A 168 9.40 4.96 -5.00
N GLY A 169 10.47 4.64 -5.74
CA GLY A 169 11.82 4.48 -5.17
C GLY A 169 12.15 3.15 -4.52
N SER A 170 13.25 3.12 -3.79
CA SER A 170 13.76 1.93 -3.09
C SER A 170 12.90 1.50 -1.86
N TRP A 171 12.63 0.20 -1.76
CA TRP A 171 11.89 -0.36 -0.61
C TRP A 171 12.75 -0.16 0.69
N PHE A 172 14.07 -0.34 0.59
CA PHE A 172 14.98 -0.16 1.76
C PHE A 172 14.93 1.31 2.31
N ASP A 173 14.98 2.30 1.42
CA ASP A 173 14.85 3.73 1.84
C ASP A 173 13.42 4.06 2.43
N HIS A 174 12.32 3.55 1.82
CA HIS A 174 10.93 3.81 2.31
C HIS A 174 10.74 3.39 3.82
N ILE A 175 11.13 2.14 4.12
CA ILE A 175 11.12 1.57 5.49
C ILE A 175 12.08 2.39 6.46
N HIS A 176 13.33 2.68 6.09
CA HIS A 176 14.21 3.46 6.97
C HIS A 176 13.59 4.84 7.32
N GLY A 177 13.00 5.52 6.33
CA GLY A 177 12.42 6.84 6.58
C GLY A 177 11.28 6.87 7.61
N TRP A 178 10.37 5.87 7.56
CA TRP A 178 9.20 5.84 8.45
C TRP A 178 9.40 5.14 9.81
N MET A 179 10.32 4.16 9.94
CA MET A 179 10.52 3.45 11.23
C MET A 179 10.76 4.33 12.47
N PRO A 180 11.50 5.45 12.34
CA PRO A 180 11.71 6.29 13.53
C PRO A 180 10.42 6.85 14.19
N MET A 181 9.29 6.80 13.49
CA MET A 181 8.01 7.25 14.03
C MET A 181 7.29 6.11 14.77
N ARG A 182 7.90 4.92 14.84
CA ARG A 182 7.20 3.78 15.43
C ARG A 182 6.70 3.78 16.89
N GLU A 183 7.21 4.65 17.74
CA GLU A 183 6.71 4.64 19.11
C GLU A 183 5.79 5.80 19.52
N GLU A 184 5.52 6.69 18.56
CA GLU A 184 4.62 7.84 18.70
C GLU A 184 3.18 7.33 18.93
N LYS A 185 2.38 8.09 19.67
CA LYS A 185 1.03 7.66 20.01
C LYS A 185 0.02 7.50 18.86
N ASN A 186 0.09 8.41 17.87
CA ASN A 186 -0.77 8.40 16.69
C ASN A 186 -0.22 7.54 15.49
N PHE A 187 0.59 6.51 15.76
CA PHE A 187 1.21 5.66 14.69
C PHE A 187 1.11 4.18 15.02
N LEU A 188 0.52 3.36 14.12
CA LEU A 188 0.45 1.89 14.36
C LEU A 188 1.19 1.07 13.25
N LEU A 189 2.15 0.23 13.68
CA LEU A 189 2.94 -0.58 12.76
C LEU A 189 2.34 -2.00 12.67
N LEU A 190 2.10 -2.47 11.46
CA LEU A 190 1.58 -3.84 11.23
C LEU A 190 2.32 -4.54 10.08
N SER A 191 2.28 -5.88 10.10
CA SER A 191 2.86 -6.69 9.01
C SER A 191 1.77 -7.48 8.22
N TYR A 192 2.01 -7.69 6.92
CA TYR A 192 1.09 -8.44 6.08
C TYR A 192 1.04 -9.88 6.64
N GLU A 193 2.17 -10.38 7.13
CA GLU A 193 2.17 -11.73 7.63
C GLU A 193 1.25 -11.97 8.87
N GLU A 194 1.22 -11.03 9.83
CA GLU A 194 0.33 -11.21 11.00
C GLU A 194 -1.13 -11.03 10.53
N LEU A 195 -1.37 -10.10 9.59
CA LEU A 195 -2.74 -9.91 9.07
C LEU A 195 -3.27 -11.24 8.48
N LYS A 196 -2.45 -11.95 7.69
CA LYS A 196 -2.94 -13.20 7.07
C LYS A 196 -2.98 -14.45 8.00
N GLN A 197 -2.04 -14.56 8.95
CA GLN A 197 -1.98 -15.67 9.91
C GLN A 197 -3.03 -15.56 11.04
N ASP A 198 -3.41 -14.35 11.43
CA ASP A 198 -4.42 -14.13 12.49
C ASP A 198 -5.20 -12.83 12.28
N THR A 199 -6.10 -12.86 11.31
CA THR A 199 -6.91 -11.71 10.94
C THR A 199 -7.71 -11.13 12.12
N GLY A 200 -8.32 -12.02 12.90
CA GLY A 200 -9.12 -11.61 14.07
C GLY A 200 -8.28 -10.88 15.11
N ARG A 201 -7.13 -11.43 15.49
CA ARG A 201 -6.31 -10.70 16.47
C ARG A 201 -5.89 -9.32 15.88
N THR A 202 -5.53 -9.28 14.58
CA THR A 202 -5.13 -8.00 13.98
C THR A 202 -6.28 -6.97 13.99
N ILE A 203 -7.54 -7.40 13.70
CA ILE A 203 -8.71 -6.49 13.72
C ILE A 203 -8.89 -5.87 15.15
N GLU A 204 -8.64 -6.66 16.18
CA GLU A 204 -8.76 -6.14 17.55
C GLU A 204 -7.65 -5.08 17.85
N LYS A 205 -6.42 -5.28 17.33
CA LYS A 205 -5.36 -4.27 17.53
C LYS A 205 -5.79 -2.95 16.91
N ILE A 206 -6.43 -3.04 15.74
CA ILE A 206 -6.88 -1.83 15.03
C ILE A 206 -8.06 -1.14 15.78
N CYS A 207 -9.02 -1.93 16.28
CA CYS A 207 -10.15 -1.30 17.00
C CYS A 207 -9.69 -0.59 18.29
N GLN A 208 -8.65 -1.12 18.96
CA GLN A 208 -8.11 -0.46 20.18
C GLN A 208 -7.42 0.88 19.83
N PHE A 209 -6.47 0.83 18.87
CA PHE A 209 -5.78 2.03 18.43
C PHE A 209 -6.76 3.14 17.96
N LEU A 210 -7.80 2.80 17.22
CA LEU A 210 -8.67 3.88 16.75
C LEU A 210 -9.64 4.34 17.85
N GLY A 211 -9.76 3.53 18.88
CA GLY A 211 -10.61 3.90 20.00
C GLY A 211 -12.11 3.80 19.81
N LYS A 212 -12.59 2.96 18.90
CA LYS A 212 -14.05 2.84 18.76
C LYS A 212 -14.46 1.53 19.46
N THR A 213 -15.75 1.38 19.73
CA THR A 213 -16.29 0.19 20.38
C THR A 213 -17.27 -0.53 19.43
N LEU A 214 -17.18 -1.86 19.37
CA LEU A 214 -18.08 -2.63 18.52
C LEU A 214 -18.90 -3.58 19.39
N GLU A 215 -20.21 -3.69 19.10
CA GLU A 215 -21.07 -4.67 19.79
C GLU A 215 -20.74 -6.11 19.27
N PRO A 216 -20.94 -7.13 20.10
CA PRO A 216 -20.67 -8.53 19.74
C PRO A 216 -21.15 -9.01 18.35
N GLU A 217 -22.43 -8.76 18.01
CA GLU A 217 -22.98 -9.17 16.71
C GLU A 217 -22.42 -8.32 15.58
N GLU A 218 -21.97 -7.08 15.89
CA GLU A 218 -21.30 -6.22 14.88
C GLU A 218 -19.90 -6.82 14.57
N LEU A 219 -19.12 -7.16 15.59
CA LEU A 219 -17.81 -7.83 15.32
C LEU A 219 -17.99 -9.17 14.52
N ASN A 220 -19.06 -9.95 14.80
CA ASN A 220 -19.30 -11.21 14.06
C ASN A 220 -19.42 -10.96 12.57
N LEU A 221 -20.15 -9.92 12.19
CA LEU A 221 -20.32 -9.58 10.76
C LEU A 221 -18.99 -9.10 10.09
N ILE A 222 -18.24 -8.24 10.77
CA ILE A 222 -16.97 -7.79 10.20
C ILE A 222 -16.03 -9.00 9.95
N LEU A 223 -15.95 -9.93 10.91
CA LEU A 223 -15.10 -11.14 10.81
C LEU A 223 -15.50 -12.00 9.56
N LYS A 224 -16.79 -12.16 9.33
CA LYS A 224 -17.32 -12.90 8.17
C LYS A 224 -16.94 -12.29 6.81
N ASN A 225 -17.03 -10.96 6.69
CA ASN A 225 -16.74 -10.25 5.45
C ASN A 225 -15.27 -9.81 5.21
N SER A 226 -14.35 -10.13 6.15
CA SER A 226 -12.96 -9.72 5.99
C SER A 226 -11.90 -10.84 5.76
N SER A 227 -12.37 -12.06 5.45
CA SER A 227 -11.46 -13.19 5.19
C SER A 227 -10.62 -12.99 3.92
N PHE A 228 -9.44 -13.61 3.87
CA PHE A 228 -8.54 -13.56 2.70
C PHE A 228 -9.29 -13.91 1.41
N GLN A 229 -9.97 -15.05 1.46
CA GLN A 229 -10.76 -15.59 0.36
C GLN A 229 -11.78 -14.57 -0.16
N SER A 230 -12.53 -13.98 0.78
CA SER A 230 -13.57 -13.00 0.46
C SER A 230 -12.96 -11.79 -0.21
N MET A 231 -11.78 -11.43 0.26
CA MET A 231 -11.01 -10.30 -0.26
C MET A 231 -10.62 -10.49 -1.72
N LYS A 232 -9.98 -11.62 -2.04
CA LYS A 232 -9.53 -11.84 -3.43
C LYS A 232 -10.63 -11.88 -4.50
N GLU A 233 -11.82 -12.30 -4.14
CA GLU A 233 -12.89 -12.35 -5.12
C GLU A 233 -13.77 -11.09 -5.32
N ASN A 234 -13.55 -10.01 -4.55
CA ASN A 234 -14.37 -8.79 -4.71
C ASN A 234 -13.79 -7.88 -5.82
N LYS A 235 -14.59 -7.67 -6.87
CA LYS A 235 -14.20 -6.87 -8.04
C LYS A 235 -14.00 -5.41 -7.71
N MET A 236 -14.61 -4.97 -6.61
CA MET A 236 -14.44 -3.59 -6.20
C MET A 236 -13.03 -3.39 -5.63
N SER A 237 -12.39 -4.45 -5.16
CA SER A 237 -11.05 -4.33 -4.55
C SER A 237 -9.83 -4.98 -5.22
N ASN A 238 -10.03 -5.92 -6.12
CA ASN A 238 -8.88 -6.59 -6.73
C ASN A 238 -8.27 -5.97 -8.01
N TYR A 239 -8.65 -4.72 -8.31
CA TYR A 239 -8.13 -4.03 -9.49
C TYR A 239 -8.73 -4.48 -10.85
N SER A 240 -9.60 -5.49 -10.82
CA SER A 240 -10.14 -5.97 -12.10
C SER A 240 -11.24 -5.09 -12.70
N LEU A 241 -11.29 -3.82 -12.30
CA LEU A 241 -12.28 -2.91 -12.85
C LEU A 241 -11.56 -1.92 -13.79
N LEU A 242 -10.23 -2.02 -13.88
CA LEU A 242 -9.47 -1.13 -14.77
C LEU A 242 -9.87 -1.40 -16.23
N SER A 243 -10.21 -0.33 -16.96
CA SER A 243 -10.63 -0.43 -18.34
C SER A 243 -9.54 -0.95 -19.28
N VAL A 244 -10.01 -1.40 -20.45
CA VAL A 244 -9.16 -1.93 -21.51
C VAL A 244 -8.27 -0.83 -22.08
N ASP A 245 -8.51 0.42 -21.70
CA ASP A 245 -7.67 1.52 -22.19
C ASP A 245 -6.35 1.72 -21.41
N TYR A 246 -6.30 1.24 -20.16
CA TYR A 246 -5.10 1.38 -19.34
C TYR A 246 -4.32 0.06 -19.15
N VAL A 247 -4.94 -1.06 -19.51
CA VAL A 247 -4.32 -2.38 -19.37
C VAL A 247 -3.88 -2.98 -20.71
N VAL A 248 -2.80 -3.75 -20.71
CA VAL A 248 -2.33 -4.36 -21.95
C VAL A 248 -3.20 -5.56 -22.30
N ASP A 249 -3.36 -6.48 -21.35
CA ASP A 249 -4.20 -7.68 -21.55
C ASP A 249 -5.09 -7.95 -20.34
N LYS A 250 -6.31 -7.43 -20.40
CA LYS A 250 -7.31 -7.57 -19.33
C LYS A 250 -7.46 -9.03 -18.81
N THR A 251 -7.27 -10.02 -19.68
CA THR A 251 -7.44 -11.41 -19.28
C THR A 251 -6.52 -11.96 -18.19
N GLN A 252 -5.27 -11.53 -18.11
CA GLN A 252 -4.39 -12.05 -17.05
C GLN A 252 -4.37 -11.18 -15.79
N LEU A 253 -5.29 -10.22 -15.72
CA LEU A 253 -5.39 -9.38 -14.53
C LEU A 253 -5.68 -10.33 -13.39
N LEU A 254 -6.48 -11.35 -13.69
CA LEU A 254 -6.89 -12.38 -12.71
C LEU A 254 -6.00 -13.64 -12.67
N ARG A 255 -4.81 -13.59 -13.28
CA ARG A 255 -3.88 -14.72 -13.28
C ARG A 255 -3.54 -15.11 -11.81
N LYS A 256 -3.09 -16.36 -11.61
CA LYS A 256 -2.76 -16.85 -10.27
C LYS A 256 -1.28 -17.28 -10.07
N GLY A 257 -0.85 -17.39 -8.82
CA GLY A 257 0.51 -17.79 -8.54
C GLY A 257 1.54 -16.69 -8.83
N VAL A 258 1.06 -15.46 -9.01
CA VAL A 258 1.94 -14.33 -9.30
C VAL A 258 1.67 -13.07 -8.45
N SER A 259 1.15 -13.25 -7.24
CA SER A 259 0.91 -12.09 -6.34
C SER A 259 1.55 -12.42 -4.97
N GLY A 260 2.67 -13.16 -5.03
CA GLY A 260 3.45 -13.68 -3.89
C GLY A 260 4.13 -15.02 -4.31
N ASP A 261 4.16 -16.06 -3.45
CA ASP A 261 4.84 -17.34 -3.78
C ASP A 261 6.29 -17.09 -4.33
N TRP A 262 7.06 -16.21 -3.67
CA TRP A 262 8.42 -15.90 -4.14
C TRP A 262 9.33 -17.14 -4.44
N LYS A 263 9.21 -18.21 -3.65
CA LYS A 263 10.00 -19.43 -3.93
C LYS A 263 9.79 -20.08 -5.32
N ASN A 264 8.65 -19.85 -5.96
CA ASN A 264 8.39 -20.41 -7.29
C ASN A 264 9.02 -19.57 -8.40
N HIS A 265 9.64 -18.43 -8.03
CA HIS A 265 10.21 -17.48 -8.98
C HIS A 265 11.74 -17.15 -8.80
N PHE A 266 12.23 -16.97 -7.58
CA PHE A 266 13.68 -16.75 -7.36
C PHE A 266 14.48 -18.08 -7.62
N THR A 267 15.65 -18.00 -8.28
CA THR A 267 16.54 -19.18 -8.39
C THR A 267 17.25 -19.30 -6.98
N VAL A 268 17.85 -20.44 -6.68
CA VAL A 268 18.62 -20.59 -5.45
C VAL A 268 19.75 -19.52 -5.33
N ALA A 269 20.50 -19.23 -6.42
CA ALA A 269 21.57 -18.20 -6.30
C ALA A 269 20.98 -16.78 -6.00
N GLN A 270 19.83 -16.42 -6.61
CA GLN A 270 19.18 -15.10 -6.37
C GLN A 270 18.77 -14.99 -4.87
N ALA A 271 18.25 -16.08 -4.29
CA ALA A 271 17.86 -16.09 -2.86
C ALA A 271 19.06 -15.95 -1.92
N GLU A 272 20.16 -16.66 -2.20
CA GLU A 272 21.38 -16.53 -1.34
C GLU A 272 22.00 -15.11 -1.42
N ASP A 273 22.02 -14.52 -2.63
CA ASP A 273 22.53 -13.15 -2.82
C ASP A 273 21.57 -12.09 -2.17
N PHE A 274 20.25 -12.28 -2.26
CA PHE A 274 19.27 -11.36 -1.63
C PHE A 274 19.38 -11.43 -0.07
N ASP A 275 19.66 -12.61 0.49
CA ASP A 275 19.83 -12.74 1.94
C ASP A 275 21.01 -11.85 2.39
N LYS A 276 22.15 -11.91 1.69
CA LYS A 276 23.31 -11.09 2.05
C LYS A 276 23.02 -9.57 1.94
N LEU A 277 22.37 -9.15 0.84
CA LEU A 277 22.00 -7.75 0.63
C LEU A 277 21.07 -7.22 1.75
N PHE A 278 20.04 -7.99 2.11
CA PHE A 278 19.11 -7.57 3.18
C PHE A 278 19.84 -7.34 4.53
N GLN A 279 20.73 -8.26 4.91
CA GLN A 279 21.51 -8.21 6.19
C GLN A 279 22.39 -6.96 6.19
N GLU A 280 23.07 -6.73 5.08
CA GLU A 280 23.88 -5.55 4.98
C GLU A 280 23.07 -4.26 5.14
N LYS A 281 22.04 -4.06 4.31
CA LYS A 281 21.23 -2.83 4.38
C LYS A 281 20.37 -2.58 5.61
N MET A 282 19.92 -3.63 6.30
CA MET A 282 19.03 -3.46 7.43
C MET A 282 19.69 -3.67 8.82
N ALA A 283 21.03 -3.76 8.81
CA ALA A 283 21.83 -3.98 10.02
C ALA A 283 21.65 -2.96 11.16
N ASP A 284 21.34 -1.70 10.83
CA ASP A 284 21.11 -0.67 11.86
C ASP A 284 19.72 -0.71 12.54
N LEU A 285 18.88 -1.70 12.22
CA LEU A 285 17.57 -1.81 12.87
C LEU A 285 17.48 -3.19 13.55
N PRO A 286 16.60 -3.35 14.57
CA PRO A 286 16.44 -4.64 15.29
C PRO A 286 15.85 -5.71 14.36
N ARG A 287 16.57 -6.82 14.24
CA ARG A 287 16.21 -7.92 13.36
C ARG A 287 14.84 -8.52 13.59
N GLU A 288 14.45 -8.62 14.86
CA GLU A 288 13.17 -9.19 15.21
C GLU A 288 11.97 -8.28 14.89
N LEU A 289 12.19 -7.11 14.28
CA LEU A 289 11.09 -6.26 13.85
C LEU A 289 10.45 -6.83 12.56
N PHE A 290 11.19 -7.70 11.88
CA PHE A 290 10.80 -8.32 10.61
C PHE A 290 10.47 -9.84 10.73
N PRO A 291 9.18 -10.18 10.81
CA PRO A 291 8.74 -11.58 10.94
C PRO A 291 8.74 -12.50 9.68
N TRP A 292 9.90 -12.69 9.05
CA TRP A 292 10.03 -13.57 7.90
C TRP A 292 11.52 -13.97 7.91
N GLU A 293 11.86 -15.14 7.38
CA GLU A 293 13.25 -15.64 7.39
C GLU A 293 14.22 -14.79 6.61
#